data_4YRJ
#
_entry.id   4YRJ
#
_cell.length_a   64.875
_cell.length_b   119.306
_cell.length_c   66.230
_cell.angle_alpha   90.000
_cell.angle_beta   92.610
_cell.angle_gamma   90.000
#
_symmetry.space_group_name_H-M   'I 1 2 1'
#
loop_
_entity.id
_entity.type
_entity.pdbx_description
1 polymer 'Histidyl-tRNA synthetase'
2 non-polymer HISTIDINE
3 non-polymer 4-chlorobenzene-1,2-diamine
4 non-polymer 'DIMETHYL SULFOXIDE'
5 non-polymer 1,2-ETHANEDIOL
6 non-polymer 'SULFATE ION'
7 water water
#
_entity_poly.entity_id   1
_entity_poly.type   'polypeptide(L)'
_entity_poly.pdbx_seq_one_letter_code
;MAHHHHHHMGTLEAQTQGPGSMQKNMVETEPVQGCRDFPPEAMRCRRHLFDVFHATAKTFGFEEYDAPVLESEELYIRKA
GEEITEQMFNFITKGGHRVALRPEMTPSLARLLLGKGRSLLLPAKWYSIPQCWRYEAITRGRRREHYQWNMDIVGVKSVS
AEVELVCAACWAMRSLGLSSKDVGIKVNSRKVLQTVVEQAGVTSDKFAPVCVIVDKMEKIPREEVEAQLAVLGLEPTVVD
AITTTLSLKSIDEIAQRVGEEHEAVKELRQFFEQVEAYGYGDWVLFDASVVRGLAYYTGIVFEGFDREGKFRALCGGGRY
DNLLTTYGSPTPIPCAGFGFGDCVIVELLQEKRLLPDIPHVVDDVVIPFDESMRPHALAVLRRLRDAGRSADIILDKKKV
VQAFNYADRVGAVRAVLVAPEEWERGEVQVKMLREGTGKEEGGAERGFAVPLDRLV
;
_entity_poly.pdbx_strand_id   A
#
loop_
_chem_comp.id
_chem_comp.type
_chem_comp.name
_chem_comp.formula
4JJ non-polymer 4-chlorobenzene-1,2-diamine 'C6 H7 Cl N2'
DMS non-polymer 'DIMETHYL SULFOXIDE' 'C2 H6 O S'
EDO non-polymer 1,2-ETHANEDIOL 'C2 H6 O2'
SO4 non-polymer 'SULFATE ION' 'O4 S -2'
#
# COMPACT_ATOMS: atom_id res chain seq x y z
N MET A 26 -1.21 38.10 2.40
CA MET A 26 -1.72 36.71 2.63
C MET A 26 -0.66 35.65 2.31
N VAL A 27 -0.72 34.53 3.03
CA VAL A 27 0.20 33.41 2.84
C VAL A 27 -0.33 32.40 1.81
N GLU A 28 0.58 31.64 1.21
CA GLU A 28 0.21 30.62 0.22
C GLU A 28 -0.54 29.46 0.87
N THR A 29 -1.82 29.32 0.53
CA THR A 29 -2.67 28.30 1.13
C THR A 29 -2.53 26.93 0.49
N GLU A 30 -2.03 26.87 -0.75
CA GLU A 30 -1.84 25.60 -1.43
C GLU A 30 -0.56 24.94 -0.93
N PRO A 31 -0.53 23.59 -0.91
CA PRO A 31 0.66 22.89 -0.45
C PRO A 31 1.79 22.97 -1.48
N VAL A 32 2.98 22.53 -1.09
CA VAL A 32 4.12 22.48 -2.00
C VAL A 32 3.78 21.62 -3.22
N GLN A 33 4.36 21.98 -4.36
CA GLN A 33 4.15 21.30 -5.63
C GLN A 33 4.08 19.78 -5.53
N GLY A 34 3.00 19.20 -6.06
CA GLY A 34 2.86 17.74 -6.16
C GLY A 34 2.54 17.03 -4.85
N CYS A 35 2.17 17.78 -3.82
CA CYS A 35 1.89 17.21 -2.52
C CYS A 35 0.44 17.47 -2.13
N ARG A 36 -0.11 16.54 -1.35
CA ARG A 36 -1.53 16.60 -0.97
C ARG A 36 -1.73 17.01 0.47
N ASP A 37 -2.73 17.86 0.67
CA ASP A 37 -3.26 18.14 1.99
C ASP A 37 -4.31 17.10 2.34
N PHE A 38 -4.41 16.76 3.63
CA PHE A 38 -5.43 15.84 4.10
C PHE A 38 -6.33 16.47 5.18
N PRO A 39 -7.23 17.39 4.78
CA PRO A 39 -8.20 17.88 5.75
C PRO A 39 -9.11 16.74 6.16
N PRO A 40 -9.88 16.90 7.25
CA PRO A 40 -10.60 15.78 7.83
C PRO A 40 -11.36 14.92 6.84
N GLU A 41 -12.13 15.53 5.94
CA GLU A 41 -12.89 14.76 4.95
C GLU A 41 -11.99 13.83 4.13
N ALA A 42 -10.87 14.36 3.63
CA ALA A 42 -9.93 13.54 2.86
C ALA A 42 -9.25 12.52 3.74
N MET A 43 -8.91 12.90 4.98
CA MET A 43 -8.19 11.98 5.89
C MET A 43 -9.02 10.75 6.23
N ARG A 44 -10.34 10.88 6.31
CA ARG A 44 -11.23 9.74 6.54
C ARG A 44 -11.11 8.71 5.40
N CYS A 45 -11.07 9.20 4.17
CA CYS A 45 -10.87 8.33 3.01
C CYS A 45 -9.54 7.59 3.10
N ARG A 46 -8.48 8.32 3.38
CA ARG A 46 -7.18 7.72 3.61
C ARG A 46 -7.22 6.67 4.72
N ARG A 47 -7.85 6.99 5.84
CA ARG A 47 -7.99 6.05 6.96
C ARG A 47 -8.72 4.76 6.60
N HIS A 48 -9.79 4.90 5.84
CA HIS A 48 -10.53 3.76 5.36
C HIS A 48 -9.62 2.77 4.61
N LEU A 49 -8.68 3.32 3.85
CA LEU A 49 -7.75 2.54 3.07
C LEU A 49 -6.66 1.92 3.94
N PHE A 50 -6.16 2.70 4.88
CA PHE A 50 -5.07 2.24 5.73
C PHE A 50 -5.57 1.21 6.73
N ASP A 51 -6.80 1.41 7.24
CA ASP A 51 -7.40 0.42 8.14
C ASP A 51 -7.37 -0.93 7.44
N VAL A 52 -7.73 -0.96 6.17
CA VAL A 52 -7.68 -2.20 5.41
C VAL A 52 -6.25 -2.78 5.31
N PHE A 53 -5.24 -1.95 5.02
CA PHE A 53 -3.87 -2.43 4.92
C PHE A 53 -3.39 -3.00 6.25
N HIS A 54 -3.68 -2.29 7.33
CA HIS A 54 -3.37 -2.74 8.67
C HIS A 54 -4.10 -4.03 9.01
N ALA A 55 -5.40 -4.05 8.75
CA ALA A 55 -6.23 -5.17 9.13
C ALA A 55 -5.80 -6.42 8.37
N THR A 56 -5.45 -6.22 7.10
CA THR A 56 -5.00 -7.31 6.23
C THR A 56 -3.65 -7.86 6.69
N ALA A 57 -2.74 -6.96 7.04
CA ALA A 57 -1.42 -7.34 7.53
C ALA A 57 -1.54 -8.16 8.81
N LYS A 58 -2.43 -7.74 9.71
CA LYS A 58 -2.71 -8.49 10.95
C LYS A 58 -3.33 -9.86 10.66
N THR A 59 -4.33 -9.88 9.81
CA THR A 59 -4.90 -11.14 9.35
C THR A 59 -3.83 -12.12 8.80
N PHE A 60 -2.78 -11.61 8.15
CA PHE A 60 -1.78 -12.46 7.53
C PHE A 60 -0.53 -12.65 8.39
N GLY A 61 -0.56 -12.12 9.63
CA GLY A 61 0.53 -12.26 10.55
C GLY A 61 1.74 -11.40 10.26
N PHE A 62 1.57 -10.31 9.53
CA PHE A 62 2.71 -9.41 9.24
C PHE A 62 2.90 -8.44 10.41
N GLU A 63 4.12 -7.96 10.59
CA GLU A 63 4.50 -7.10 11.72
C GLU A 63 4.91 -5.74 11.20
N GLU A 64 4.41 -4.68 11.84
CA GLU A 64 4.73 -3.35 11.39
C GLU A 64 6.15 -2.92 11.72
N TYR A 65 6.74 -2.17 10.80
CA TYR A 65 8.00 -1.52 11.04
C TYR A 65 7.98 -0.19 10.34
N ASP A 66 8.96 0.65 10.63
CA ASP A 66 9.11 1.93 9.95
C ASP A 66 10.58 2.31 9.93
N ALA A 67 10.93 3.22 9.03
CA ALA A 67 12.28 3.75 8.93
C ALA A 67 12.20 5.21 8.49
N PRO A 68 13.33 5.95 8.54
CA PRO A 68 13.24 7.36 8.21
C PRO A 68 12.94 7.59 6.74
N VAL A 69 12.06 8.54 6.47
CA VAL A 69 11.79 8.96 5.10
C VAL A 69 13.07 9.47 4.43
N LEU A 70 13.97 10.01 5.24
CA LEU A 70 15.26 10.50 4.78
C LEU A 70 16.27 9.36 4.83
N GLU A 71 16.84 9.03 3.66
CA GLU A 71 17.84 7.99 3.54
C GLU A 71 19.03 8.48 2.72
N SER A 72 20.16 7.82 2.88
CA SER A 72 21.36 8.16 2.11
C SER A 72 21.13 7.88 0.63
N GLU A 73 21.63 8.76 -0.22
CA GLU A 73 21.42 8.65 -1.66
C GLU A 73 22.03 7.39 -2.24
N GLU A 74 23.21 7.00 -1.75
CA GLU A 74 23.91 5.82 -2.28
C GLU A 74 23.11 4.52 -2.13
N LEU A 75 22.18 4.52 -1.18
CA LEU A 75 21.28 3.40 -0.97
C LEU A 75 20.51 3.00 -2.22
N TYR A 76 20.33 3.93 -3.15
CA TYR A 76 19.53 3.68 -4.36
C TYR A 76 20.32 3.66 -5.67
N ILE A 77 21.64 3.87 -5.60
CA ILE A 77 22.46 3.95 -6.81
C ILE A 77 22.68 2.54 -7.39
N ARG A 78 21.72 2.06 -8.18
CA ARG A 78 21.77 0.70 -8.73
C ARG A 78 22.23 0.62 -10.19
N LYS A 79 22.25 1.76 -10.88
CA LYS A 79 22.88 1.88 -12.22
C LYS A 79 22.27 0.96 -13.29
N ALA A 80 20.95 0.88 -13.31
CA ALA A 80 20.23 0.04 -14.27
C ALA A 80 19.17 0.79 -15.08
N GLY A 81 19.23 2.13 -15.08
CA GLY A 81 18.27 2.95 -15.81
C GLY A 81 16.83 2.89 -15.30
N GLU A 82 16.64 2.59 -14.01
CA GLU A 82 15.30 2.52 -13.42
C GLU A 82 14.67 3.91 -13.33
N GLU A 83 13.35 3.97 -13.49
CA GLU A 83 12.61 5.22 -13.31
C GLU A 83 12.70 5.70 -11.87
N ILE A 84 12.69 4.75 -10.94
CA ILE A 84 12.66 5.05 -9.52
C ILE A 84 13.96 5.70 -9.03
N THR A 85 15.07 5.38 -9.69
CA THR A 85 16.37 5.99 -9.40
C THR A 85 16.61 7.26 -10.22
N GLU A 86 16.08 7.29 -11.44
CA GLU A 86 16.15 8.48 -12.30
C GLU A 86 15.42 9.67 -11.69
N GLN A 87 14.27 9.40 -11.06
CA GLN A 87 13.39 10.45 -10.55
C GLN A 87 13.47 10.59 -9.04
N MET A 88 14.69 10.69 -8.52
CA MET A 88 14.91 10.78 -7.09
C MET A 88 14.75 12.21 -6.60
N PHE A 89 13.97 12.37 -5.53
CA PHE A 89 13.84 13.64 -4.84
C PHE A 89 15.01 13.70 -3.87
N ASN A 90 16.15 14.15 -4.36
CA ASN A 90 17.37 14.14 -3.55
C ASN A 90 17.95 15.55 -3.37
N PHE A 91 18.77 15.71 -2.34
CA PHE A 91 19.45 16.96 -2.07
C PHE A 91 20.67 16.74 -1.19
N ILE A 92 21.43 17.80 -0.95
CA ILE A 92 22.64 17.75 -0.15
C ILE A 92 22.41 18.49 1.17
N THR A 93 22.81 17.86 2.28
CA THR A 93 22.74 18.52 3.60
C THR A 93 23.79 19.62 3.66
N LYS A 94 23.71 20.45 4.70
CA LYS A 94 24.72 21.48 4.92
C LYS A 94 26.08 20.87 5.27
N GLY A 95 26.05 19.69 5.89
CA GLY A 95 27.27 18.93 6.18
C GLY A 95 27.87 18.20 4.98
N GLY A 96 27.22 18.30 3.83
CA GLY A 96 27.75 17.76 2.59
C GLY A 96 27.49 16.28 2.41
N HIS A 97 26.37 15.80 2.93
CA HIS A 97 25.98 14.40 2.79
C HIS A 97 24.89 14.25 1.72
N ARG A 98 25.06 13.29 0.83
CA ARG A 98 24.11 13.04 -0.25
C ARG A 98 22.93 12.23 0.30
N VAL A 99 21.79 12.87 0.47
CA VAL A 99 20.59 12.20 1.00
C VAL A 99 19.43 12.28 0.01
N ALA A 100 18.37 11.55 0.32
CA ALA A 100 17.19 11.56 -0.51
C ALA A 100 15.96 11.21 0.32
N LEU A 101 14.83 11.81 -0.07
CA LEU A 101 13.53 11.34 0.38
C LEU A 101 13.25 10.06 -0.40
N ARG A 102 13.00 8.98 0.33
CA ARG A 102 12.95 7.65 -0.25
C ARG A 102 11.95 7.55 -1.41
N PRO A 103 12.38 6.98 -2.56
CA PRO A 103 11.46 6.71 -3.66
C PRO A 103 10.71 5.38 -3.50
N GLU A 104 11.19 4.53 -2.59
CA GLU A 104 10.56 3.24 -2.30
C GLU A 104 11.09 2.77 -0.94
N MET A 105 10.48 1.73 -0.38
CA MET A 105 10.83 1.24 0.95
C MET A 105 11.80 0.09 0.99
N THR A 106 11.79 -0.75 -0.05
CA THR A 106 12.54 -2.01 -0.03
C THR A 106 14.00 -1.84 0.36
N PRO A 107 14.67 -0.79 -0.14
CA PRO A 107 16.06 -0.57 0.28
C PRO A 107 16.22 -0.28 1.78
N SER A 108 15.26 0.42 2.38
CA SER A 108 15.25 0.64 3.81
C SER A 108 15.09 -0.69 4.55
N LEU A 109 14.12 -1.48 4.11
CA LEU A 109 13.89 -2.81 4.67
C LEU A 109 15.19 -3.64 4.69
N ALA A 110 15.83 -3.74 3.53
CA ALA A 110 17.05 -4.51 3.39
C ALA A 110 18.13 -4.02 4.34
N ARG A 111 18.29 -2.70 4.44
CA ARG A 111 19.23 -2.10 5.37
C ARG A 111 18.92 -2.55 6.79
N LEU A 112 17.66 -2.44 7.16
CA LEU A 112 17.22 -2.88 8.49
C LEU A 112 17.54 -4.37 8.69
N LEU A 113 17.26 -5.20 7.69
CA LEU A 113 17.52 -6.63 7.76
C LEU A 113 19.01 -6.95 7.89
N LEU A 114 19.83 -6.29 7.06
CA LEU A 114 21.27 -6.51 7.07
C LEU A 114 21.91 -6.09 8.41
N GLY A 115 21.39 -5.04 9.02
CA GLY A 115 21.85 -4.59 10.33
C GLY A 115 21.53 -5.57 11.45
N LYS A 116 20.36 -6.19 11.38
CA LYS A 116 19.98 -7.24 12.33
C LYS A 116 20.90 -8.46 12.20
N GLY A 117 21.21 -8.85 10.97
CA GLY A 117 22.09 -10.00 10.73
C GLY A 117 21.45 -11.33 11.11
N ARG A 118 22.07 -12.04 12.04
CA ARG A 118 21.57 -13.36 12.49
C ARG A 118 20.78 -13.29 13.81
N SER A 119 20.79 -12.13 14.48
CA SER A 119 19.86 -11.88 15.59
C SER A 119 18.41 -11.87 15.08
N LEU A 120 18.23 -11.54 13.80
CA LEU A 120 16.94 -11.62 13.12
C LEU A 120 16.51 -13.07 12.97
N LEU A 121 15.29 -13.36 13.44
CA LEU A 121 14.73 -14.70 13.38
C LEU A 121 13.85 -14.82 12.15
N LEU A 122 13.97 -15.96 11.48
CA LEU A 122 13.39 -16.17 10.17
C LEU A 122 12.50 -17.41 10.15
N PRO A 123 11.44 -17.40 9.33
CA PRO A 123 11.07 -16.30 8.43
C PRO A 123 10.49 -15.08 9.14
N ALA A 124 10.65 -13.90 8.52
CA ALA A 124 10.09 -12.63 9.02
C ALA A 124 9.11 -12.05 8.01
N LYS A 125 7.99 -11.54 8.52
CA LYS A 125 6.94 -10.98 7.70
C LYS A 125 6.70 -9.56 8.17
N TRP A 126 7.24 -8.61 7.41
CA TRP A 126 7.28 -7.22 7.84
C TRP A 126 6.43 -6.38 6.89
N TYR A 127 5.76 -5.37 7.43
CA TYR A 127 4.95 -4.49 6.60
C TYR A 127 5.07 -3.04 7.06
N SER A 128 4.68 -2.12 6.19
CA SER A 128 4.64 -0.71 6.53
CA SER A 128 4.65 -0.70 6.53
C SER A 128 3.81 0.05 5.51
N ILE A 129 3.51 1.32 5.81
CA ILE A 129 2.76 2.18 4.90
C ILE A 129 3.51 3.51 4.77
N PRO A 130 4.72 3.48 4.19
CA PRO A 130 5.53 4.69 4.05
C PRO A 130 5.05 5.65 2.97
N GLN A 131 5.21 6.93 3.22
CA GLN A 131 5.13 7.91 2.18
C GLN A 131 6.44 7.82 1.41
N CYS A 132 6.35 7.76 0.09
CA CYS A 132 7.55 7.73 -0.76
C CYS A 132 7.49 8.90 -1.75
N TRP A 133 8.65 9.32 -2.24
CA TRP A 133 8.77 10.59 -2.99
C TRP A 133 9.45 10.45 -4.35
N ARG A 134 9.16 11.41 -5.22
CA ARG A 134 9.83 11.52 -6.50
C ARG A 134 9.90 12.96 -6.95
N TYR A 135 10.78 13.22 -7.92
CA TYR A 135 10.93 14.54 -8.51
C TYR A 135 11.08 14.36 -10.02
N GLU A 136 10.33 15.15 -10.79
CA GLU A 136 10.35 15.06 -12.26
C GLU A 136 10.57 16.44 -12.89
N ARG A 142 1.71 16.73 -11.75
CA ARG A 142 2.26 15.40 -11.50
C ARG A 142 2.54 15.19 -10.01
N ARG A 143 2.00 14.11 -9.44
CA ARG A 143 2.19 13.81 -8.01
C ARG A 143 3.67 13.54 -7.68
N ARG A 144 4.17 14.19 -6.63
CA ARG A 144 5.54 13.97 -6.15
C ARG A 144 5.62 13.15 -4.83
N GLU A 145 4.48 12.82 -4.23
CA GLU A 145 4.46 11.85 -3.15
C GLU A 145 3.25 10.93 -3.23
N HIS A 146 3.39 9.75 -2.65
CA HIS A 146 2.29 8.81 -2.52
C HIS A 146 2.57 7.93 -1.30
N TYR A 147 1.52 7.34 -0.75
CA TYR A 147 1.68 6.33 0.28
C TYR A 147 1.67 4.96 -0.39
N GLN A 148 2.47 4.04 0.14
CA GLN A 148 2.61 2.73 -0.46
C GLN A 148 2.69 1.65 0.61
N TRP A 149 1.63 0.86 0.69
CA TRP A 149 1.61 -0.28 1.58
C TRP A 149 2.69 -1.24 1.10
N ASN A 150 3.63 -1.57 1.98
CA ASN A 150 4.65 -2.55 1.64
C ASN A 150 4.45 -3.78 2.48
N MET A 151 4.46 -4.93 1.81
CA MET A 151 4.45 -6.24 2.48
C MET A 151 5.62 -7.07 1.96
N ASP A 152 6.40 -7.67 2.88
CA ASP A 152 7.59 -8.44 2.49
C ASP A 152 7.76 -9.67 3.38
N ILE A 153 8.06 -10.79 2.74
CA ILE A 153 8.45 -12.01 3.44
C ILE A 153 9.92 -12.30 3.21
N VAL A 154 10.62 -12.63 4.28
CA VAL A 154 12.07 -12.75 4.30
C VAL A 154 12.44 -14.10 4.87
N GLY A 155 13.34 -14.81 4.18
CA GLY A 155 13.86 -16.10 4.63
C GLY A 155 13.09 -17.30 4.11
N VAL A 156 12.17 -17.08 3.17
CA VAL A 156 11.36 -18.15 2.59
C VAL A 156 11.78 -18.36 1.13
N LYS A 157 12.46 -19.49 0.91
CA LYS A 157 12.96 -19.87 -0.41
C LYS A 157 11.86 -20.13 -1.41
N SER A 158 10.79 -20.78 -0.94
CA SER A 158 9.77 -21.34 -1.82
C SER A 158 8.70 -20.33 -2.24
N VAL A 159 7.92 -20.74 -3.24
CA VAL A 159 6.87 -19.89 -3.83
C VAL A 159 5.70 -19.63 -2.90
N SER A 160 5.60 -20.38 -1.80
CA SER A 160 4.62 -20.12 -0.75
C SER A 160 4.66 -18.67 -0.24
N ALA A 161 5.82 -18.02 -0.30
CA ALA A 161 5.94 -16.62 0.05
C ALA A 161 5.13 -15.77 -0.94
N GLU A 162 5.39 -15.97 -2.23
CA GLU A 162 4.72 -15.22 -3.27
C GLU A 162 3.22 -15.46 -3.24
N VAL A 163 2.84 -16.71 -2.99
CA VAL A 163 1.43 -17.08 -2.83
C VAL A 163 0.79 -16.25 -1.72
N GLU A 164 1.37 -16.31 -0.53
CA GLU A 164 0.89 -15.53 0.60
C GLU A 164 0.79 -14.04 0.25
N LEU A 165 1.83 -13.50 -0.39
CA LEU A 165 1.87 -12.08 -0.72
C LEU A 165 0.76 -11.70 -1.68
N VAL A 166 0.60 -12.51 -2.73
CA VAL A 166 -0.44 -12.30 -3.71
C VAL A 166 -1.80 -12.44 -3.07
N CYS A 167 -1.98 -13.42 -2.18
CA CYS A 167 -3.25 -13.56 -1.46
C CYS A 167 -3.56 -12.35 -0.58
N ALA A 168 -2.56 -11.84 0.14
CA ALA A 168 -2.73 -10.59 0.92
C ALA A 168 -3.28 -9.44 0.09
N ALA A 169 -2.76 -9.27 -1.11
CA ALA A 169 -3.19 -8.16 -1.95
C ALA A 169 -4.66 -8.29 -2.41
N CYS A 170 -5.05 -9.49 -2.82
CA CYS A 170 -6.45 -9.77 -3.16
C CYS A 170 -7.37 -9.55 -1.96
N TRP A 171 -6.93 -10.05 -0.81
CA TRP A 171 -7.64 -9.89 0.46
C TRP A 171 -7.95 -8.42 0.72
N ALA A 172 -6.92 -7.59 0.54
CA ALA A 172 -7.06 -6.17 0.75
C ALA A 172 -8.12 -5.60 -0.18
N MET A 173 -8.02 -5.96 -1.46
CA MET A 173 -8.94 -5.43 -2.48
C MET A 173 -10.37 -5.87 -2.18
N ARG A 174 -10.59 -7.14 -1.88
CA ARG A 174 -11.92 -7.60 -1.51
C ARG A 174 -12.44 -6.92 -0.24
N SER A 175 -11.56 -6.68 0.72
CA SER A 175 -11.94 -5.98 1.96
C SER A 175 -12.47 -4.57 1.65
N LEU A 176 -11.95 -3.96 0.59
CA LEU A 176 -12.38 -2.65 0.14
C LEU A 176 -13.64 -2.70 -0.72
N GLY A 177 -14.13 -3.90 -1.02
CA GLY A 177 -15.37 -4.11 -1.75
C GLY A 177 -15.19 -4.63 -3.17
N LEU A 178 -13.94 -4.74 -3.64
CA LEU A 178 -13.69 -5.23 -5.00
C LEU A 178 -13.86 -6.74 -5.05
N SER A 179 -14.08 -7.28 -6.23
CA SER A 179 -14.17 -8.74 -6.41
C SER A 179 -13.32 -9.18 -7.61
N SER A 180 -13.27 -10.49 -7.82
CA SER A 180 -12.48 -11.06 -8.91
C SER A 180 -13.02 -10.61 -10.25
N LYS A 181 -14.31 -10.26 -10.31
CA LYS A 181 -14.86 -9.61 -11.49
C LYS A 181 -14.16 -8.29 -11.79
N ASP A 182 -13.93 -7.49 -10.76
CA ASP A 182 -13.39 -6.14 -10.94
C ASP A 182 -11.91 -6.08 -11.25
N VAL A 183 -11.13 -6.95 -10.60
CA VAL A 183 -9.68 -6.91 -10.64
C VAL A 183 -9.10 -8.31 -10.70
N GLY A 184 -7.82 -8.38 -11.07
CA GLY A 184 -7.04 -9.60 -10.93
C GLY A 184 -5.58 -9.31 -10.66
N ILE A 185 -4.77 -10.36 -10.57
CA ILE A 185 -3.33 -10.26 -10.36
C ILE A 185 -2.60 -11.06 -11.45
N LYS A 186 -1.85 -10.37 -12.31
CA LYS A 186 -1.06 -11.04 -13.37
C LYS A 186 0.24 -11.55 -12.78
N VAL A 187 0.69 -12.72 -13.23
CA VAL A 187 1.85 -13.37 -12.61
C VAL A 187 2.81 -13.96 -13.66
N ASN A 188 4.10 -13.80 -13.42
CA ASN A 188 5.12 -14.31 -14.33
C ASN A 188 6.40 -14.65 -13.55
N SER A 189 7.38 -15.24 -14.22
CA SER A 189 8.72 -15.41 -13.64
C SER A 189 9.81 -14.87 -14.56
N ARG A 190 10.72 -14.11 -13.98
CA ARG A 190 11.85 -13.55 -14.69
C ARG A 190 12.88 -14.61 -15.06
N LYS A 191 12.79 -15.79 -14.46
CA LYS A 191 13.74 -16.86 -14.76
C LYS A 191 13.61 -17.31 -16.21
N VAL A 192 12.39 -17.26 -16.75
CA VAL A 192 12.17 -17.55 -18.15
C VAL A 192 13.08 -16.67 -19.01
N LEU A 193 12.93 -15.36 -18.87
CA LEU A 193 13.73 -14.40 -19.63
C LEU A 193 15.22 -14.49 -19.28
N GLN A 194 15.52 -14.81 -18.01
CA GLN A 194 16.90 -15.03 -17.56
C GLN A 194 17.63 -16.05 -18.44
N THR A 195 16.95 -17.16 -18.71
CA THR A 195 17.49 -18.23 -19.53
C THR A 195 17.83 -17.74 -20.94
N VAL A 196 16.87 -17.04 -21.55
CA VAL A 196 17.04 -16.59 -22.94
C VAL A 196 18.20 -15.61 -23.06
N VAL A 197 18.36 -14.74 -22.06
CA VAL A 197 19.50 -13.81 -22.02
C VAL A 197 20.81 -14.57 -21.81
N GLU A 198 20.80 -15.55 -20.91
CA GLU A 198 21.96 -16.40 -20.66
C GLU A 198 22.40 -17.16 -21.92
N GLN A 199 21.43 -17.85 -22.55
CA GLN A 199 21.71 -18.68 -23.73
C GLN A 199 22.21 -17.90 -24.94
N ALA A 200 21.85 -16.62 -25.03
CA ALA A 200 22.31 -15.75 -26.12
C ALA A 200 23.59 -14.96 -25.77
N GLY A 201 24.31 -15.38 -24.72
CA GLY A 201 25.51 -14.68 -24.30
C GLY A 201 26.17 -15.29 -23.07
N THR A 203 25.52 -12.69 -20.96
CA THR A 203 26.24 -12.13 -19.83
C THR A 203 25.26 -11.51 -18.83
N SER A 204 25.21 -12.08 -17.64
CA SER A 204 24.18 -11.76 -16.64
C SER A 204 24.15 -10.30 -16.21
N ASP A 205 25.30 -9.63 -16.24
CA ASP A 205 25.39 -8.22 -15.85
C ASP A 205 24.38 -7.33 -16.59
N LYS A 206 24.01 -7.74 -17.80
CA LYS A 206 23.06 -6.99 -18.63
C LYS A 206 21.59 -7.33 -18.39
N PHE A 207 21.31 -8.38 -17.60
CA PHE A 207 19.95 -8.89 -17.43
C PHE A 207 19.01 -7.88 -16.77
N ALA A 208 19.44 -7.28 -15.66
CA ALA A 208 18.63 -6.28 -14.95
C ALA A 208 18.29 -5.06 -15.83
N PRO A 209 19.30 -4.48 -16.52
CA PRO A 209 19.04 -3.40 -17.48
C PRO A 209 18.00 -3.77 -18.54
N VAL A 210 18.05 -5.01 -19.03
CA VAL A 210 17.12 -5.50 -20.05
C VAL A 210 15.70 -5.60 -19.52
N CYS A 211 15.54 -6.19 -18.34
CA CYS A 211 14.24 -6.27 -17.68
C CYS A 211 13.61 -4.88 -17.60
N VAL A 212 14.43 -3.88 -17.26
CA VAL A 212 13.98 -2.50 -17.11
C VAL A 212 13.48 -1.95 -18.44
N ILE A 213 14.20 -2.22 -19.52
CA ILE A 213 13.80 -1.78 -20.84
C ILE A 213 12.53 -2.52 -21.28
N VAL A 214 12.56 -3.85 -21.19
CA VAL A 214 11.43 -4.71 -21.55
C VAL A 214 10.15 -4.37 -20.78
N ASP A 215 10.31 -3.86 -19.56
CA ASP A 215 9.17 -3.36 -18.77
C ASP A 215 8.39 -2.26 -19.50
N LYS A 216 9.10 -1.41 -20.26
CA LYS A 216 8.48 -0.32 -20.99
C LYS A 216 7.70 -0.76 -22.25
N MET A 217 7.78 -2.04 -22.60
CA MET A 217 7.18 -2.58 -23.82
C MET A 217 5.70 -2.24 -23.97
N GLU A 218 4.93 -2.45 -22.90
CA GLU A 218 3.50 -2.16 -22.91
C GLU A 218 3.24 -0.68 -23.19
N LYS A 219 4.06 0.19 -22.61
CA LYS A 219 3.88 1.64 -22.72
C LYS A 219 4.30 2.22 -24.07
N ILE A 220 5.58 2.06 -24.42
CA ILE A 220 6.14 2.68 -25.64
C ILE A 220 6.19 1.71 -26.82
N PRO A 221 6.33 2.24 -28.07
CA PRO A 221 6.36 1.35 -29.23
C PRO A 221 7.49 0.33 -29.20
N ARG A 222 7.30 -0.79 -29.89
CA ARG A 222 8.32 -1.83 -30.00
C ARG A 222 9.61 -1.26 -30.60
N GLU A 223 9.47 -0.30 -31.52
CA GLU A 223 10.61 0.38 -32.11
C GLU A 223 11.46 1.09 -31.05
N GLU A 224 10.80 1.77 -30.11
CA GLU A 224 11.49 2.46 -29.03
C GLU A 224 12.22 1.50 -28.08
N VAL A 225 11.60 0.35 -27.80
CA VAL A 225 12.19 -0.66 -26.91
C VAL A 225 13.33 -1.41 -27.60
N GLU A 226 13.13 -1.77 -28.86
CA GLU A 226 14.18 -2.42 -29.66
C GLU A 226 15.47 -1.62 -29.70
N ALA A 227 15.34 -0.32 -29.95
CA ALA A 227 16.49 0.58 -30.05
C ALA A 227 17.25 0.70 -28.74
N GLN A 228 16.54 0.68 -27.62
CA GLN A 228 17.16 0.76 -26.30
C GLN A 228 17.92 -0.53 -25.97
N LEU A 229 17.36 -1.66 -26.39
CA LEU A 229 18.01 -2.96 -26.25
C LEU A 229 19.22 -3.07 -27.17
N ALA A 230 19.09 -2.52 -28.38
CA ALA A 230 20.19 -2.45 -29.34
C ALA A 230 21.27 -1.48 -28.85
N VAL A 231 20.84 -0.38 -28.23
CA VAL A 231 21.76 0.58 -27.61
C VAL A 231 22.57 -0.06 -26.49
N LEU A 232 21.95 -0.99 -25.77
CA LEU A 232 22.64 -1.76 -24.74
C LEU A 232 23.71 -2.71 -25.30
N GLY A 233 23.58 -3.06 -26.58
CA GLY A 233 24.55 -3.91 -27.26
C GLY A 233 24.06 -5.32 -27.54
N LEU A 234 22.75 -5.53 -27.42
CA LEU A 234 22.14 -6.82 -27.73
C LEU A 234 21.81 -6.90 -29.21
N GLU A 235 22.03 -8.07 -29.82
CA GLU A 235 21.82 -8.25 -31.25
C GLU A 235 20.35 -8.60 -31.56
N PRO A 236 19.92 -8.39 -32.82
CA PRO A 236 18.55 -8.69 -33.30
C PRO A 236 18.03 -10.11 -32.98
N THR A 237 18.93 -11.08 -32.87
CA THR A 237 18.56 -12.47 -32.58
C THR A 237 17.96 -12.62 -31.18
N VAL A 238 18.67 -12.08 -30.18
CA VAL A 238 18.22 -12.15 -28.79
C VAL A 238 16.96 -11.32 -28.56
N VAL A 239 16.88 -10.19 -29.26
CA VAL A 239 15.71 -9.29 -29.18
C VAL A 239 14.45 -9.99 -29.67
N ASP A 240 14.56 -10.70 -30.79
CA ASP A 240 13.46 -11.50 -31.31
C ASP A 240 13.00 -12.51 -30.26
N ALA A 241 13.94 -13.26 -29.69
CA ALA A 241 13.63 -14.29 -28.71
C ALA A 241 12.97 -13.71 -27.46
N ILE A 242 13.42 -12.53 -27.04
CA ILE A 242 12.80 -11.80 -25.94
C ILE A 242 11.35 -11.47 -26.28
N THR A 243 11.14 -10.82 -27.42
CA THR A 243 9.81 -10.44 -27.87
C THR A 243 8.87 -11.65 -27.87
N THR A 244 9.31 -12.72 -28.51
CA THR A 244 8.52 -13.94 -28.64
C THR A 244 8.07 -14.49 -27.29
N THR A 245 8.99 -14.49 -26.32
CA THR A 245 8.72 -15.06 -25.00
C THR A 245 7.81 -14.18 -24.13
N LEU A 246 7.90 -12.87 -24.31
CA LEU A 246 6.98 -11.94 -23.66
C LEU A 246 5.53 -12.15 -24.11
N SER A 247 5.36 -12.57 -25.36
CA SER A 247 4.02 -12.73 -25.94
C SER A 247 3.47 -14.17 -25.89
N LEU A 248 4.12 -15.05 -25.13
CA LEU A 248 3.58 -16.40 -24.90
C LEU A 248 2.38 -16.29 -23.94
N LYS A 249 1.30 -17.02 -24.25
CA LYS A 249 0.00 -16.79 -23.60
C LYS A 249 -0.30 -17.75 -22.46
N SER A 250 0.31 -18.93 -22.46
CA SER A 250 0.02 -19.92 -21.41
C SER A 250 1.28 -20.52 -20.83
N ILE A 251 1.13 -21.20 -19.70
CA ILE A 251 2.25 -21.85 -19.02
C ILE A 251 2.72 -23.06 -19.82
N ASP A 252 1.81 -23.71 -20.53
CA ASP A 252 2.15 -24.83 -21.41
C ASP A 252 3.04 -24.41 -22.58
N GLU A 253 2.88 -23.17 -23.05
CA GLU A 253 3.72 -22.64 -24.12
C GLU A 253 5.13 -22.32 -23.61
N ILE A 254 5.24 -21.89 -22.36
CA ILE A 254 6.54 -21.65 -21.73
C ILE A 254 7.26 -22.98 -21.51
N ALA A 255 6.49 -24.03 -21.20
CA ALA A 255 7.04 -25.38 -21.08
C ALA A 255 7.64 -25.86 -22.40
N GLN A 256 6.97 -25.57 -23.52
CA GLN A 256 7.48 -25.92 -24.85
C GLN A 256 8.86 -25.32 -25.10
N ARG A 257 9.01 -24.03 -24.83
CA ARG A 257 10.23 -23.30 -25.15
C ARG A 257 11.38 -23.57 -24.17
N VAL A 258 11.04 -23.82 -22.90
CA VAL A 258 12.05 -23.91 -21.82
C VAL A 258 12.21 -25.30 -21.19
N GLY A 259 11.18 -26.14 -21.29
CA GLY A 259 11.17 -27.45 -20.62
C GLY A 259 10.17 -27.48 -19.48
N GLU A 260 9.51 -28.62 -19.30
CA GLU A 260 8.48 -28.77 -18.26
C GLU A 260 9.05 -28.91 -16.84
N GLU A 261 10.38 -28.99 -16.72
CA GLU A 261 11.05 -28.99 -15.42
C GLU A 261 12.12 -27.92 -15.36
N HIS A 262 11.91 -26.82 -16.08
CA HIS A 262 12.59 -25.56 -15.76
C HIS A 262 12.03 -25.21 -14.40
N GLU A 263 12.91 -24.81 -13.47
CA GLU A 263 12.47 -24.44 -12.12
C GLU A 263 11.27 -23.49 -12.19
N ALA A 264 11.32 -22.55 -13.14
CA ALA A 264 10.24 -21.59 -13.34
C ALA A 264 8.88 -22.23 -13.61
N VAL A 265 8.84 -23.31 -14.38
CA VAL A 265 7.58 -23.99 -14.64
C VAL A 265 7.01 -24.62 -13.37
N LYS A 266 7.83 -25.41 -12.68
CA LYS A 266 7.42 -26.06 -11.42
C LYS A 266 6.97 -25.04 -10.38
N GLU A 267 7.70 -23.94 -10.28
CA GLU A 267 7.35 -22.85 -9.35
C GLU A 267 6.00 -22.21 -9.67
N LEU A 268 5.78 -21.85 -10.94
CA LEU A 268 4.51 -21.25 -11.35
C LEU A 268 3.33 -22.21 -11.14
N ARG A 269 3.53 -23.49 -11.43
CA ARG A 269 2.49 -24.49 -11.18
C ARG A 269 2.23 -24.65 -9.70
N GLN A 270 3.29 -24.69 -8.90
CA GLN A 270 3.13 -24.70 -7.44
C GLN A 270 2.37 -23.46 -6.99
N PHE A 271 2.76 -22.29 -7.50
CA PHE A 271 2.12 -21.04 -7.15
C PHE A 271 0.61 -21.04 -7.45
N PHE A 272 0.25 -21.41 -8.67
CA PHE A 272 -1.17 -21.42 -9.04
C PHE A 272 -1.95 -22.49 -8.26
N GLU A 273 -1.35 -23.67 -8.08
CA GLU A 273 -1.96 -24.69 -7.25
C GLU A 273 -2.24 -24.19 -5.83
N GLN A 274 -1.29 -23.48 -5.23
CA GLN A 274 -1.45 -23.01 -3.85
C GLN A 274 -2.48 -21.88 -3.72
N VAL A 275 -2.47 -20.95 -4.66
CA VAL A 275 -3.44 -19.86 -4.66
C VAL A 275 -4.86 -20.40 -4.91
N GLU A 276 -4.97 -21.37 -5.82
CA GLU A 276 -6.23 -22.09 -6.03
C GLU A 276 -6.76 -22.69 -4.74
N ALA A 277 -5.88 -23.37 -4.02
CA ALA A 277 -6.25 -24.03 -2.77
C ALA A 277 -6.67 -23.07 -1.65
N TYR A 278 -6.10 -21.87 -1.62
CA TYR A 278 -6.50 -20.84 -0.67
C TYR A 278 -7.85 -20.19 -1.05
N GLY A 279 -8.28 -20.37 -2.29
CA GLY A 279 -9.61 -19.92 -2.73
C GLY A 279 -9.63 -18.65 -3.56
N TYR A 280 -8.49 -18.30 -4.15
CA TYR A 280 -8.37 -17.09 -4.96
C TYR A 280 -7.90 -17.42 -6.39
N GLY A 281 -8.29 -18.58 -6.91
CA GLY A 281 -7.93 -18.96 -8.27
C GLY A 281 -8.56 -18.06 -9.34
N ASP A 282 -9.75 -17.55 -9.04
CA ASP A 282 -10.41 -16.62 -9.96
C ASP A 282 -9.70 -15.26 -10.00
N TRP A 283 -8.87 -14.96 -8.99
CA TRP A 283 -8.18 -13.69 -8.93
C TRP A 283 -6.83 -13.63 -9.65
N VAL A 284 -6.28 -14.77 -10.05
CA VAL A 284 -4.91 -14.79 -10.56
C VAL A 284 -4.81 -15.44 -11.91
N LEU A 285 -3.82 -15.03 -12.67
CA LEU A 285 -3.58 -15.59 -13.99
C LEU A 285 -2.15 -15.34 -14.42
N PHE A 286 -1.72 -16.11 -15.41
CA PHE A 286 -0.41 -15.97 -15.99
C PHE A 286 -0.35 -14.83 -17.02
N ASP A 287 0.79 -14.14 -17.06
CA ASP A 287 1.05 -13.18 -18.13
C ASP A 287 2.55 -13.05 -18.35
N ALA A 288 3.04 -13.56 -19.47
CA ALA A 288 4.48 -13.55 -19.78
C ALA A 288 5.05 -12.16 -20.10
N SER A 289 4.19 -11.14 -20.21
CA SER A 289 4.67 -9.78 -20.44
C SER A 289 5.01 -9.02 -19.15
N VAL A 290 4.69 -9.60 -18.01
CA VAL A 290 4.93 -8.96 -16.72
C VAL A 290 6.38 -9.18 -16.26
N VAL A 291 7.19 -8.12 -16.31
CA VAL A 291 8.56 -8.17 -15.74
C VAL A 291 8.75 -7.20 -14.57
N ARG A 292 8.03 -6.09 -14.56
CA ARG A 292 8.20 -5.02 -13.57
C ARG A 292 9.43 -4.19 -13.88
N GLY A 293 9.48 -2.98 -13.30
CA GLY A 293 10.49 -1.99 -13.64
C GLY A 293 11.69 -1.95 -12.72
N LEU A 294 11.71 -2.81 -11.71
CA LEU A 294 12.77 -2.79 -10.70
C LEU A 294 13.84 -3.82 -10.96
N ALA A 295 15.09 -3.42 -10.72
CA ALA A 295 16.26 -4.18 -11.10
C ALA A 295 16.42 -5.49 -10.34
N TYR A 296 15.98 -5.51 -9.09
CA TYR A 296 16.39 -6.56 -8.17
C TYR A 296 15.55 -7.85 -8.18
N TYR A 297 14.43 -7.86 -8.89
CA TYR A 297 13.60 -9.06 -8.94
C TYR A 297 14.32 -10.20 -9.69
N THR A 298 14.23 -11.42 -9.15
CA THR A 298 14.92 -12.58 -9.73
C THR A 298 14.02 -13.74 -10.12
N GLY A 299 12.87 -13.87 -9.46
CA GLY A 299 11.96 -14.99 -9.68
C GLY A 299 10.60 -14.51 -10.11
N ILE A 300 9.59 -14.88 -9.35
CA ILE A 300 8.20 -14.51 -9.64
C ILE A 300 7.99 -13.01 -9.50
N VAL A 301 7.27 -12.42 -10.45
CA VAL A 301 6.84 -11.03 -10.38
C VAL A 301 5.32 -10.96 -10.65
N PHE A 302 4.66 -9.95 -10.11
CA PHE A 302 3.21 -9.82 -10.30
C PHE A 302 2.71 -8.37 -10.25
N GLU A 303 1.51 -8.16 -10.82
CA GLU A 303 0.87 -6.84 -10.94
C GLU A 303 -0.65 -6.95 -10.78
N GLY A 304 -1.20 -6.09 -9.94
CA GLY A 304 -2.64 -5.98 -9.82
C GLY A 304 -3.14 -5.15 -10.98
N PHE A 305 -4.33 -5.44 -11.48
CA PHE A 305 -4.91 -4.68 -12.59
C PHE A 305 -6.41 -4.69 -12.50
N ASP A 306 -7.05 -3.67 -13.07
CA ASP A 306 -8.50 -3.64 -13.21
C ASP A 306 -8.85 -4.35 -14.51
N ARG A 307 -9.92 -5.15 -14.45
CA ARG A 307 -10.34 -5.95 -15.61
C ARG A 307 -11.07 -5.14 -16.72
N GLU A 308 -11.17 -3.82 -16.58
CA GLU A 308 -11.74 -2.97 -17.63
C GLU A 308 -10.68 -2.28 -18.51
N GLY A 309 -9.41 -2.41 -18.15
CA GLY A 309 -8.31 -1.82 -18.91
C GLY A 309 -8.20 -0.31 -18.79
N LYS A 310 -8.72 0.23 -17.69
CA LYS A 310 -8.80 1.67 -17.49
C LYS A 310 -7.65 2.30 -16.70
N PHE A 311 -7.04 1.53 -15.80
CA PHE A 311 -6.06 2.09 -14.85
C PHE A 311 -4.69 1.44 -14.95
N ARG A 312 -3.68 2.14 -14.47
CA ARG A 312 -2.34 1.59 -14.28
C ARG A 312 -2.39 0.47 -13.23
N ALA A 313 -1.24 -0.16 -13.00
CA ALA A 313 -1.09 -1.19 -11.98
C ALA A 313 -1.62 -0.72 -10.63
N LEU A 314 -2.38 -1.58 -9.96
CA LEU A 314 -2.92 -1.31 -8.62
C LEU A 314 -1.87 -1.61 -7.55
N CYS A 315 -1.04 -2.63 -7.83
CA CYS A 315 0.09 -2.97 -6.99
C CYS A 315 1.11 -3.74 -7.83
N GLY A 316 2.27 -4.02 -7.25
CA GLY A 316 3.30 -4.78 -7.94
C GLY A 316 4.38 -5.26 -6.99
N GLY A 317 5.01 -6.38 -7.36
CA GLY A 317 5.91 -7.03 -6.45
C GLY A 317 6.67 -8.18 -7.09
N GLY A 318 7.42 -8.91 -6.27
CA GLY A 318 8.14 -10.07 -6.75
C GLY A 318 9.22 -10.55 -5.80
N ARG A 319 9.93 -11.59 -6.23
CA ARG A 319 11.00 -12.19 -5.45
C ARG A 319 12.30 -11.47 -5.77
N TYR A 320 13.08 -11.17 -4.73
CA TYR A 320 14.39 -10.55 -4.88
C TYR A 320 15.43 -11.24 -3.97
N ASP A 321 16.00 -12.35 -4.46
CA ASP A 321 16.85 -13.24 -3.67
C ASP A 321 18.32 -12.80 -3.56
N ASN A 322 18.74 -11.82 -4.38
CA ASN A 322 20.13 -11.38 -4.41
C ASN A 322 20.37 -10.00 -3.80
N LEU A 323 19.32 -9.24 -3.55
CA LEU A 323 19.48 -7.86 -3.10
C LEU A 323 20.37 -7.78 -1.87
N LEU A 324 20.04 -8.57 -0.85
CA LEU A 324 20.82 -8.54 0.39
C LEU A 324 22.24 -9.04 0.20
N THR A 325 22.48 -9.93 -0.75
CA THR A 325 23.85 -10.32 -1.09
C THR A 325 24.59 -9.11 -1.68
N THR A 326 23.91 -8.35 -2.53
CA THR A 326 24.47 -7.15 -3.13
C THR A 326 24.78 -6.05 -2.10
N TYR A 327 23.95 -5.93 -1.07
CA TYR A 327 24.20 -4.98 0.05
C TYR A 327 25.37 -5.42 0.94
N GLY A 328 25.86 -6.65 0.75
CA GLY A 328 27.05 -7.15 1.44
C GLY A 328 26.82 -8.30 2.41
N SER A 329 25.61 -8.89 2.44
CA SER A 329 25.35 -10.03 3.31
C SER A 329 26.30 -11.19 2.99
N PRO A 330 26.87 -11.84 4.04
CA PRO A 330 27.71 -13.01 3.80
C PRO A 330 26.92 -14.20 3.25
N THR A 331 25.71 -14.39 3.79
CA THR A 331 24.83 -15.49 3.39
C THR A 331 23.64 -14.92 2.58
N PRO A 332 23.27 -15.58 1.46
CA PRO A 332 22.13 -15.08 0.68
C PRO A 332 20.84 -15.12 1.47
N ILE A 333 20.04 -14.08 1.33
CA ILE A 333 18.77 -14.00 2.04
C ILE A 333 17.63 -13.91 1.04
N PRO A 334 16.82 -14.98 0.95
CA PRO A 334 15.66 -14.93 0.06
C PRO A 334 14.62 -13.95 0.58
N CYS A 335 14.00 -13.22 -0.35
CA CYS A 335 13.01 -12.20 -0.04
C CYS A 335 11.98 -12.12 -1.15
N ALA A 336 10.78 -11.66 -0.80
CA ALA A 336 9.75 -11.37 -1.78
C ALA A 336 8.81 -10.35 -1.17
N GLY A 337 8.21 -9.49 -1.99
CA GLY A 337 7.27 -8.50 -1.47
C GLY A 337 6.54 -7.70 -2.54
N PHE A 338 5.67 -6.81 -2.10
CA PHE A 338 4.99 -5.90 -3.02
C PHE A 338 4.75 -4.53 -2.40
N GLY A 339 4.43 -3.60 -3.27
CA GLY A 339 4.01 -2.28 -2.90
C GLY A 339 2.64 -2.09 -3.51
N PHE A 340 1.80 -1.35 -2.82
CA PHE A 340 0.40 -1.17 -3.17
C PHE A 340 0.10 0.29 -2.89
N GLY A 341 0.14 1.10 -3.94
CA GLY A 341 -0.02 2.53 -3.83
C GLY A 341 -1.40 2.96 -3.37
N ASP A 342 -1.54 4.24 -3.02
CA ASP A 342 -2.81 4.78 -2.54
C ASP A 342 -3.61 5.61 -3.59
N CYS A 343 -3.16 5.63 -4.85
CA CYS A 343 -3.77 6.50 -5.87
C CYS A 343 -4.74 5.76 -6.77
N VAL A 344 -4.20 4.78 -7.50
CA VAL A 344 -4.96 4.01 -8.49
C VAL A 344 -6.12 3.28 -7.82
N ILE A 345 -5.83 2.59 -6.72
CA ILE A 345 -6.87 1.92 -5.95
C ILE A 345 -8.05 2.84 -5.62
N VAL A 346 -7.76 4.10 -5.28
CA VAL A 346 -8.79 5.05 -4.92
C VAL A 346 -9.62 5.45 -6.14
N GLU A 347 -8.94 5.70 -7.25
CA GLU A 347 -9.63 6.01 -8.50
C GLU A 347 -10.55 4.85 -8.91
N LEU A 348 -10.03 3.64 -8.78
CA LEU A 348 -10.82 2.45 -9.10
C LEU A 348 -12.04 2.35 -8.19
N LEU A 349 -11.83 2.48 -6.88
CA LEU A 349 -12.95 2.46 -5.93
C LEU A 349 -13.99 3.57 -6.21
N GLN A 350 -13.52 4.75 -6.63
CA GLN A 350 -14.41 5.86 -7.00
C GLN A 350 -15.25 5.49 -8.22
N GLU A 351 -14.60 4.96 -9.26
CA GLU A 351 -15.26 4.48 -10.48
C GLU A 351 -16.34 3.42 -10.20
N LYS A 352 -16.02 2.49 -9.30
CA LYS A 352 -16.95 1.43 -8.88
C LYS A 352 -17.98 1.89 -7.82
N ARG A 353 -17.88 3.14 -7.40
CA ARG A 353 -18.78 3.74 -6.39
C ARG A 353 -18.69 3.01 -5.05
N LEU A 354 -17.46 2.70 -4.65
CA LEU A 354 -17.17 2.01 -3.41
C LEU A 354 -16.41 2.91 -2.43
N LEU A 355 -16.47 4.22 -2.64
CA LEU A 355 -15.89 5.18 -1.69
C LEU A 355 -16.92 6.19 -1.30
N PRO A 356 -18.05 5.72 -0.73
CA PRO A 356 -18.95 6.71 -0.21
C PRO A 356 -18.21 7.52 0.85
N ASP A 357 -18.35 8.84 0.81
CA ASP A 357 -17.85 9.69 1.87
C ASP A 357 -18.56 9.25 3.13
N ILE A 358 -17.81 8.99 4.19
CA ILE A 358 -18.43 8.61 5.46
C ILE A 358 -18.20 9.74 6.45
N PRO A 359 -19.28 10.45 6.83
CA PRO A 359 -19.13 11.65 7.63
C PRO A 359 -18.67 11.32 9.02
N HIS A 360 -18.09 12.32 9.68
CA HIS A 360 -17.65 12.21 11.07
C HIS A 360 -18.79 11.73 11.99
N VAL A 361 -18.44 10.97 13.02
CA VAL A 361 -19.41 10.57 14.05
C VAL A 361 -18.81 10.80 15.43
N VAL A 362 -19.71 10.98 16.40
CA VAL A 362 -19.36 11.04 17.81
C VAL A 362 -20.60 10.51 18.56
N ASP A 363 -20.39 9.82 19.68
CA ASP A 363 -21.51 9.18 20.38
C ASP A 363 -22.42 10.23 20.98
N ASP A 364 -21.85 11.11 21.80
CA ASP A 364 -22.62 12.09 22.56
C ASP A 364 -22.15 13.52 22.36
N VAL A 365 -23.11 14.43 22.36
CA VAL A 365 -22.80 15.85 22.48
C VAL A 365 -23.51 16.40 23.73
N VAL A 366 -22.71 16.77 24.72
CA VAL A 366 -23.23 17.28 25.98
C VAL A 366 -23.57 18.76 25.81
N ILE A 367 -24.78 19.12 26.17
CA ILE A 367 -25.26 20.47 25.99
C ILE A 367 -25.64 21.07 27.33
N PRO A 368 -24.82 22.00 27.83
CA PRO A 368 -25.23 22.70 29.03
C PRO A 368 -26.37 23.67 28.71
N PHE A 369 -27.40 23.66 29.54
CA PHE A 369 -28.53 24.55 29.37
C PHE A 369 -28.03 26.00 29.33
N ASP A 370 -27.04 26.33 30.14
CA ASP A 370 -26.41 27.63 30.09
C ASP A 370 -25.05 27.56 30.79
N GLU A 371 -24.35 28.68 30.86
CA GLU A 371 -23.02 28.71 31.47
C GLU A 371 -23.00 28.32 32.94
N SER A 372 -24.06 28.63 33.68
CA SER A 372 -24.16 28.21 35.07
C SER A 372 -24.14 26.67 35.20
N MET A 373 -24.64 25.98 34.18
CA MET A 373 -24.62 24.49 34.15
C MET A 373 -23.33 23.87 33.63
N ARG A 374 -22.36 24.67 33.20
CA ARG A 374 -21.12 24.12 32.62
C ARG A 374 -20.37 23.12 33.52
N PRO A 375 -20.18 23.45 34.81
CA PRO A 375 -19.44 22.51 35.66
C PRO A 375 -20.08 21.13 35.72
N HIS A 376 -21.39 21.09 35.83
CA HIS A 376 -22.11 19.82 35.86
C HIS A 376 -22.00 19.11 34.52
N ALA A 377 -22.10 19.88 33.44
CA ALA A 377 -21.94 19.34 32.07
C ALA A 377 -20.57 18.67 31.86
N LEU A 378 -19.55 19.29 32.44
CA LEU A 378 -18.21 18.72 32.40
C LEU A 378 -18.16 17.41 33.15
N ALA A 379 -18.75 17.38 34.34
CA ALA A 379 -18.80 16.17 35.14
C ALA A 379 -19.47 15.05 34.36
N VAL A 380 -20.56 15.39 33.69
CA VAL A 380 -21.27 14.45 32.83
C VAL A 380 -20.39 14.01 31.67
N LEU A 381 -19.71 14.96 31.04
CA LEU A 381 -18.77 14.66 29.96
C LEU A 381 -17.73 13.64 30.41
N ARG A 382 -17.17 13.85 31.60
CA ARG A 382 -16.19 12.91 32.17
C ARG A 382 -16.76 11.50 32.27
N ARG A 383 -17.98 11.38 32.81
CA ARG A 383 -18.63 10.08 32.96
C ARG A 383 -18.79 9.38 31.61
N LEU A 384 -19.29 10.11 30.62
CA LEU A 384 -19.48 9.54 29.30
C LEU A 384 -18.16 9.01 28.73
N ARG A 385 -17.11 9.82 28.81
CA ARG A 385 -15.81 9.42 28.28
C ARG A 385 -15.18 8.27 29.06
N ASP A 386 -15.34 8.27 30.39
CA ASP A 386 -14.84 7.17 31.25
C ASP A 386 -15.43 5.82 30.85
N ALA A 387 -16.64 5.86 30.28
CA ALA A 387 -17.32 4.63 29.84
C ALA A 387 -16.90 4.17 28.44
N GLY A 388 -15.94 4.86 27.83
CA GLY A 388 -15.45 4.50 26.49
C GLY A 388 -16.23 5.15 25.36
N ARG A 389 -17.13 6.06 25.68
CA ARG A 389 -17.88 6.78 24.66
C ARG A 389 -17.05 7.95 24.11
N SER A 390 -17.30 8.29 22.85
CA SER A 390 -16.75 9.49 22.26
C SER A 390 -17.77 10.60 22.49
N ALA A 391 -17.32 11.72 23.05
CA ALA A 391 -18.22 12.77 23.48
C ALA A 391 -17.62 14.15 23.31
N ASP A 392 -18.41 15.08 22.77
CA ASP A 392 -18.10 16.49 22.81
C ASP A 392 -18.91 17.15 23.91
N ILE A 393 -18.47 18.35 24.26
CA ILE A 393 -19.29 19.29 25.01
C ILE A 393 -19.30 20.57 24.18
N ILE A 394 -20.44 21.27 24.20
CA ILE A 394 -20.51 22.58 23.56
C ILE A 394 -19.54 23.49 24.31
N LEU A 395 -18.60 24.09 23.57
CA LEU A 395 -17.47 24.79 24.19
C LEU A 395 -17.70 26.28 24.38
N ASP A 396 -18.27 26.92 23.36
CA ASP A 396 -18.55 28.36 23.43
CA ASP A 396 -18.58 28.35 23.37
C ASP A 396 -19.99 28.58 23.89
N LYS A 397 -20.33 29.84 24.14
CA LYS A 397 -21.66 30.20 24.61
C LYS A 397 -22.65 30.12 23.44
N LYS A 398 -23.68 29.27 23.54
CA LYS A 398 -24.73 29.22 22.51
C LYS A 398 -26.07 28.62 22.96
N LYS A 399 -27.14 28.95 22.23
CA LYS A 399 -28.49 28.53 22.59
C LYS A 399 -28.71 27.05 22.33
N VAL A 400 -29.57 26.45 23.16
CA VAL A 400 -29.89 25.02 23.07
C VAL A 400 -30.12 24.57 21.63
N VAL A 401 -31.00 25.28 20.93
CA VAL A 401 -31.30 24.96 19.53
C VAL A 401 -30.09 25.06 18.58
N GLN A 402 -29.24 26.08 18.76
CA GLN A 402 -27.96 26.14 18.03
C GLN A 402 -27.12 24.88 18.33
N ALA A 403 -27.12 24.46 19.59
CA ALA A 403 -26.27 23.35 20.04
C ALA A 403 -26.75 22.00 19.49
N PHE A 404 -28.07 21.85 19.37
CA PHE A 404 -28.65 20.65 18.76
C PHE A 404 -28.25 20.56 17.29
N ASN A 405 -28.36 21.68 16.59
CA ASN A 405 -27.94 21.72 15.20
C ASN A 405 -26.45 21.39 15.10
N TYR A 406 -25.67 21.98 16.00
CA TYR A 406 -24.25 21.67 16.05
C TYR A 406 -24.03 20.17 16.23
N ALA A 407 -24.74 19.59 17.19
CA ALA A 407 -24.74 18.14 17.42
C ALA A 407 -25.04 17.33 16.17
N ASP A 408 -26.05 17.78 15.41
CA ASP A 408 -26.43 17.09 14.18
C ASP A 408 -25.33 17.21 13.12
N ARG A 409 -24.79 18.42 12.97
CA ARG A 409 -23.70 18.67 12.03
C ARG A 409 -22.44 17.82 12.30
N VAL A 410 -22.11 17.57 13.57
CA VAL A 410 -20.93 16.73 13.88
C VAL A 410 -21.24 15.22 13.82
N GLY A 411 -22.49 14.85 13.53
CA GLY A 411 -22.88 13.45 13.41
C GLY A 411 -22.95 12.74 14.75
N ALA A 412 -23.42 13.44 15.78
CA ALA A 412 -23.67 12.85 17.08
C ALA A 412 -24.82 11.84 17.08
N VAL A 413 -24.62 10.68 17.72
CA VAL A 413 -25.66 9.67 17.85
C VAL A 413 -26.70 10.10 18.90
N ARG A 414 -26.30 10.98 19.81
CA ARG A 414 -27.11 11.30 20.97
C ARG A 414 -26.72 12.68 21.50
N ALA A 415 -27.72 13.44 21.95
CA ALA A 415 -27.51 14.73 22.59
C ALA A 415 -27.96 14.64 24.04
N VAL A 416 -27.08 15.05 24.94
CA VAL A 416 -27.33 14.99 26.36
C VAL A 416 -27.44 16.42 26.87
N LEU A 417 -28.66 16.86 27.12
CA LEU A 417 -28.90 18.20 27.61
C LEU A 417 -28.83 18.22 29.13
N VAL A 418 -28.00 19.12 29.66
CA VAL A 418 -27.80 19.24 31.10
C VAL A 418 -28.48 20.52 31.62
N ALA A 419 -29.68 20.36 32.16
CA ALA A 419 -30.49 21.49 32.59
C ALA A 419 -30.76 21.46 34.10
N PRO A 420 -30.95 22.64 34.72
CA PRO A 420 -31.05 22.78 36.19
C PRO A 420 -32.11 21.91 36.87
N GLU A 421 -33.31 21.81 36.29
CA GLU A 421 -34.39 21.07 36.93
C GLU A 421 -34.10 19.58 37.02
N GLU A 422 -33.58 19.02 35.93
CA GLU A 422 -33.27 17.59 35.86
C GLU A 422 -32.05 17.25 36.72
N TRP A 423 -31.11 18.19 36.81
CA TRP A 423 -29.91 17.99 37.61
C TRP A 423 -30.22 17.73 39.08
N GLU A 424 -31.20 18.44 39.63
CA GLU A 424 -31.57 18.27 41.04
C GLU A 424 -32.32 16.97 41.30
N ARG A 425 -32.93 16.41 40.26
CA ARG A 425 -33.52 15.08 40.33
C ARG A 425 -32.47 13.98 40.06
N GLY A 426 -31.20 14.37 39.92
CA GLY A 426 -30.11 13.45 39.61
C GLY A 426 -30.14 12.95 38.17
N GLU A 427 -30.67 13.77 37.27
CA GLU A 427 -30.92 13.36 35.89
C GLU A 427 -30.41 14.35 34.84
N VAL A 428 -30.38 13.88 33.59
CA VAL A 428 -30.22 14.76 32.43
C VAL A 428 -31.26 14.43 31.36
N GLN A 429 -31.41 15.31 30.38
CA GLN A 429 -32.27 15.05 29.23
C GLN A 429 -31.45 14.48 28.09
N VAL A 430 -31.90 13.34 27.58
CA VAL A 430 -31.20 12.62 26.52
C VAL A 430 -32.11 12.50 25.33
N LYS A 431 -31.54 12.66 24.13
CA LYS A 431 -32.31 12.64 22.91
C LYS A 431 -31.53 11.95 21.82
N MET A 432 -32.09 10.86 21.30
CA MET A 432 -31.46 10.06 20.25
C MET A 432 -31.62 10.77 18.91
N LEU A 433 -30.50 11.07 18.26
CA LEU A 433 -30.52 11.83 17.01
C LEU A 433 -30.63 10.93 15.79
N ARG A 434 -30.23 9.66 15.93
CA ARG A 434 -30.37 8.67 14.84
C ARG A 434 -31.22 7.48 15.28
N GLY A 447 -36.99 13.89 24.06
CA GLY A 447 -35.96 14.16 25.06
C GLY A 447 -36.32 13.63 26.42
N PHE A 448 -35.97 12.37 26.69
CA PHE A 448 -36.33 11.69 27.94
C PHE A 448 -35.35 12.00 29.06
N ALA A 449 -35.88 12.14 30.27
CA ALA A 449 -35.04 12.32 31.46
C ALA A 449 -34.39 10.98 31.84
N VAL A 450 -33.11 11.02 32.20
CA VAL A 450 -32.36 9.80 32.50
C VAL A 450 -31.52 10.00 33.76
N PRO A 451 -31.50 9.02 34.68
CA PRO A 451 -30.60 9.10 35.83
C PRO A 451 -29.13 8.99 35.41
N LEU A 452 -28.26 9.77 36.03
CA LEU A 452 -26.86 9.83 35.61
C LEU A 452 -26.20 8.46 35.47
N ASP A 453 -26.43 7.56 36.43
CA ASP A 453 -25.85 6.21 36.37
C ASP A 453 -26.32 5.40 35.14
N ARG A 454 -27.50 5.71 34.62
CA ARG A 454 -28.08 5.02 33.47
C ARG A 454 -27.59 5.53 32.11
N LEU A 455 -27.06 6.74 32.06
CA LEU A 455 -26.55 7.34 30.81
C LEU A 455 -25.67 6.40 29.99
N VAL A 456 -24.82 5.68 30.71
CA VAL A 456 -23.84 4.79 30.10
C VAL A 456 -24.26 3.32 30.24
N HIS B . 9.58 -1.47 -3.94
CA HIS B . 8.64 -2.03 -4.96
C HIS B . 7.96 -0.91 -5.77
O HIS B . 7.34 -1.16 -6.81
CB HIS B . 7.61 -2.93 -4.30
CG HIS B . 8.22 -4.04 -3.51
ND1 HIS B . 8.97 -5.03 -4.09
CD2 HIS B . 8.22 -4.30 -2.18
CE1 HIS B . 9.41 -5.86 -3.16
NE2 HIS B . 8.97 -5.43 -1.99
OXT HIS B . 8.00 0.26 -5.40
C1 4JJ C . 7.39 7.59 -5.71
C2 4JJ C . 6.42 8.56 -5.56
C3 4JJ C . 5.36 8.59 -6.44
C4 4JJ C . 5.25 7.69 -7.48
C5 4JJ C . 6.23 6.70 -7.65
CL 4JJ C . 4.10 9.77 -6.23
N1 4JJ C . 6.13 5.78 -8.66
C 4JJ C . 7.33 6.65 -6.74
N 4JJ C . 8.28 5.68 -6.87
S DMS D . 22.84 -0.86 -3.65
O DMS D . 21.95 -1.60 -4.56
C1 DMS D . 24.45 -1.39 -3.86
C2 DMS D . 22.96 0.74 -4.19
S DMS E . -12.87 -9.58 3.17
O DMS E . -14.18 -10.28 3.13
C1 DMS E . -12.49 -9.20 4.79
C2 DMS E . -11.65 -10.71 2.77
C1 EDO F . 25.14 17.17 8.58
O1 EDO F . 24.65 16.83 7.28
C2 EDO F . 26.09 16.09 9.07
O2 EDO F . 25.48 14.80 8.94
S SO4 G . -0.63 5.03 10.52
O1 SO4 G . -0.75 4.10 9.37
O2 SO4 G . -1.00 6.40 10.12
O3 SO4 G . -1.55 4.58 11.59
O4 SO4 G . 0.77 5.06 10.97
S SO4 H . -15.08 -12.91 -5.57
O1 SO4 H . -16.19 -13.87 -5.62
O2 SO4 H . -14.92 -12.28 -6.89
O3 SO4 H . -13.82 -13.62 -5.24
O4 SO4 H . -15.38 -11.87 -4.55
S SO4 I . 0.60 5.24 -7.32
O1 SO4 I . 1.82 4.55 -7.80
O2 SO4 I . 0.03 6.04 -8.43
O3 SO4 I . 0.94 6.17 -6.22
O4 SO4 I . -0.43 4.28 -6.87
#